data_3WKC
#
_entry.id   3WKC
#
_cell.length_a   92.518
_cell.length_b   92.518
_cell.length_c   243.447
_cell.angle_alpha   90.00
_cell.angle_beta   90.00
_cell.angle_gamma   120.00
#
_symmetry.space_group_name_H-M   'P 65 2 2'
#
loop_
_entity.id
_entity.type
_entity.pdbx_description
1 polymer 'Bifunctional epoxide hydrolase 2'
2 non-polymer 'MAGNESIUM ION'
3 non-polymer 'PHOSPHATE ION'
4 non-polymer 4-{2,5-dimethyl-1-[(2R)-tetrahydrofuran-2-ylmethyl]-1H-pyrrol-3-yl}-1,3-thiazol-2-amine
5 water water
#
_entity_poly.entity_id   1
_entity_poly.type   'polypeptide(L)'
_entity_poly.pdbx_seq_one_letter_code
;MTLRAAVFDLDGVLALPAVFGVLGRTEEALALPRGLLNDAFQKGGPEGATTRLMKGEITLSQWIPLMEENCRKCSETAKV
CLPKNFSIKEIFDKAISARKINRPMLQAALMLRKKGFTTAILTNTWLDDRAERDGLAQLMCELKMHFDFLIESCQVGMVK
PEPQIYKFLLDTLKASPSEVVFLDDIGANLKPARDLGMVTILVQDTDTALKELEKVTGIQLLNTPAPLPTSCNPSDMSHG
YVTVKPRVRLHFVELGSGPAVCLCHGFPESWYSWRYQIPALAQAGYRVLAMDMKGYGESSAPPEIEEYCMEVLCKEMVTF
LDKLGLSQAVFIGHDWGGMLVWYMALFYPERVRAVASLNTPFIPANPNMSPLESIKANPVFDYQLYFQEPGVAEAELEQN
LSRTFKSLFRASDESVLSMHKVCEAGGLFVNSPEEPSLSRMVTEEEIQFYVQQFKKSGFRGPLNWYRNMERNWKWACKSL
GRKILIPALMVTAEKDFVLVPQMSQHMEDWIPHLKRGHIEDCGHWTQMDKPTEVNQILIKWLDSDARNPPVVSKMHHHHH
H
;
_entity_poly.pdbx_strand_id   A
#
loop_
_chem_comp.id
_chem_comp.type
_chem_comp.name
_chem_comp.formula
MG non-polymer 'MAGNESIUM ION' 'Mg 2'
PO4 non-polymer 'PHOSPHATE ION' 'O4 P -3'
S0J non-polymer 4-{2,5-dimethyl-1-[(2R)-tetrahydrofuran-2-ylmethyl]-1H-pyrrol-3-yl}-1,3-thiazol-2-amine 'C14 H19 N3 O S'
#
# COMPACT_ATOMS: atom_id res chain seq x y z
N THR A 2 29.72 9.20 10.07
CA THR A 2 30.46 7.90 10.24
C THR A 2 29.57 6.62 10.07
N LEU A 3 28.49 6.49 10.85
CA LEU A 3 27.56 5.36 10.71
C LEU A 3 26.81 5.47 9.41
N ARG A 4 26.79 4.38 8.61
CA ARG A 4 26.12 4.28 7.27
C ARG A 4 25.08 3.14 7.19
N ALA A 5 24.98 2.33 8.22
CA ALA A 5 24.19 1.15 8.07
C ALA A 5 23.59 0.74 9.35
N ALA A 6 22.39 0.19 9.27
CA ALA A 6 21.72 -0.28 10.48
C ALA A 6 21.18 -1.68 10.30
N VAL A 7 21.40 -2.50 11.31
CA VAL A 7 21.07 -3.94 11.21
C VAL A 7 20.14 -4.25 12.36
N PHE A 8 19.06 -4.97 12.08
CA PHE A 8 18.05 -5.29 13.09
C PHE A 8 17.81 -6.76 13.14
N ASP A 9 17.66 -7.26 14.32
CA ASP A 9 17.19 -8.61 14.47
C ASP A 9 15.64 -8.64 14.24
N LEU A 10 15.05 -9.80 14.00
CA LEU A 10 13.61 -9.88 13.83
C LEU A 10 12.99 -10.12 15.20
N ASP A 11 13.18 -11.30 15.76
CA ASP A 11 12.63 -11.62 17.11
C ASP A 11 13.10 -10.66 18.20
N GLY A 12 12.13 -9.97 18.82
CA GLY A 12 12.41 -9.14 19.96
C GLY A 12 12.89 -7.77 19.53
N VAL A 13 13.07 -7.56 18.23
CA VAL A 13 13.57 -6.26 17.80
C VAL A 13 12.55 -5.69 16.83
N LEU A 14 12.45 -6.23 15.62
CA LEU A 14 11.40 -5.76 14.64
C LEU A 14 10.00 -6.39 14.81
N ALA A 15 9.93 -7.53 15.52
CA ALA A 15 8.68 -8.22 15.83
C ALA A 15 8.55 -8.62 17.32
N LEU A 16 7.34 -8.52 17.87
CA LEU A 16 7.07 -8.70 19.32
C LEU A 16 5.69 -9.30 19.56
N PRO A 17 5.52 -10.09 20.65
CA PRO A 17 6.49 -10.66 21.60
C PRO A 17 7.39 -11.66 20.88
N ALA A 18 8.62 -11.84 21.37
CA ALA A 18 9.61 -12.79 20.82
C ALA A 18 9.22 -14.21 21.11
N VAL A 19 9.55 -15.18 20.25
CA VAL A 19 9.29 -16.61 20.62
C VAL A 19 9.98 -17.18 21.87
N PHE A 20 11.29 -16.97 22.04
CA PHE A 20 11.99 -17.36 23.29
C PHE A 20 11.12 -17.03 24.51
N GLY A 21 10.33 -15.95 24.37
CA GLY A 21 9.51 -15.44 25.44
C GLY A 21 8.43 -16.44 25.79
N VAL A 22 8.04 -17.23 24.80
CA VAL A 22 6.95 -18.20 24.95
C VAL A 22 7.42 -19.42 25.72
N LEU A 23 8.72 -19.69 25.64
CA LEU A 23 9.34 -20.67 26.53
C LEU A 23 9.14 -20.26 28.02
N GLY A 24 9.55 -19.03 28.37
CA GLY A 24 9.32 -18.45 29.70
C GLY A 24 7.87 -18.49 30.16
N ARG A 25 6.99 -17.93 29.34
CA ARG A 25 5.56 -17.88 29.65
C ARG A 25 4.85 -19.26 29.81
N THR A 26 5.15 -20.18 28.91
CA THR A 26 4.58 -21.52 28.99
C THR A 26 4.99 -22.17 30.35
N GLU A 27 6.28 -22.15 30.67
CA GLU A 27 6.76 -22.59 32.00
C GLU A 27 5.89 -21.97 33.12
N GLU A 28 5.80 -20.63 33.15
CA GLU A 28 4.99 -19.91 34.16
C GLU A 28 3.52 -20.34 34.18
N ALA A 29 2.83 -20.19 33.04
CA ALA A 29 1.44 -20.69 32.81
C ALA A 29 1.17 -22.13 33.28
N LEU A 30 2.11 -23.02 33.02
CA LEU A 30 1.88 -24.41 33.36
C LEU A 30 2.53 -24.84 34.67
N ALA A 31 3.12 -23.88 35.40
CA ALA A 31 3.86 -24.21 36.65
C ALA A 31 4.98 -25.26 36.42
N LEU A 32 5.67 -25.18 35.31
CA LEU A 32 6.82 -26.06 35.09
C LEU A 32 8.08 -25.54 35.80
N PRO A 33 9.09 -26.40 36.05
CA PRO A 33 10.37 -25.88 36.54
C PRO A 33 10.92 -24.78 35.67
N ARG A 34 11.22 -23.65 36.33
CA ARG A 34 11.77 -22.47 35.69
C ARG A 34 12.93 -22.88 34.79
N GLY A 35 12.90 -22.44 33.52
CA GLY A 35 14.01 -22.64 32.61
C GLY A 35 14.03 -24.02 31.96
N LEU A 36 13.15 -24.93 32.38
CA LEU A 36 13.10 -26.28 31.76
C LEU A 36 12.98 -26.26 30.20
N LEU A 37 12.03 -25.49 29.67
CA LEU A 37 11.83 -25.36 28.24
C LEU A 37 13.07 -24.74 27.59
N ASN A 38 13.66 -23.71 28.18
CA ASN A 38 14.85 -23.16 27.56
C ASN A 38 15.99 -24.13 27.52
N ASP A 39 16.15 -24.98 28.55
CA ASP A 39 17.17 -26.06 28.52
C ASP A 39 16.93 -27.05 27.37
N ALA A 40 15.68 -27.49 27.22
CA ALA A 40 15.33 -28.40 26.14
C ALA A 40 15.63 -27.72 24.79
N PHE A 41 15.22 -26.46 24.63
CA PHE A 41 15.43 -25.71 23.39
C PHE A 41 16.92 -25.68 23.05
N GLN A 42 17.76 -25.51 24.07
CA GLN A 42 19.20 -25.25 23.85
C GLN A 42 20.04 -26.52 23.96
N LYS A 43 19.41 -27.63 24.32
CA LYS A 43 20.17 -28.87 24.47
C LYS A 43 21.15 -29.20 23.32
N GLY A 44 22.39 -29.60 23.67
CA GLY A 44 23.43 -30.01 22.73
C GLY A 44 24.18 -28.82 22.13
N GLY A 45 23.73 -27.60 22.45
CA GLY A 45 24.36 -26.37 21.94
C GLY A 45 24.67 -26.39 20.44
N PRO A 46 25.93 -26.06 20.04
CA PRO A 46 26.30 -26.00 18.62
C PRO A 46 25.94 -27.23 17.78
N GLU A 47 25.85 -28.40 18.38
CA GLU A 47 25.37 -29.61 17.66
C GLU A 47 23.99 -30.15 18.05
N GLY A 48 23.21 -29.42 18.84
CA GLY A 48 21.86 -29.90 19.16
C GLY A 48 20.85 -29.62 18.05
N ALA A 49 19.64 -30.17 18.23
CA ALA A 49 18.60 -29.98 17.24
C ALA A 49 18.34 -28.51 16.84
N THR A 50 18.39 -27.61 17.83
CA THR A 50 17.98 -26.26 17.54
C THR A 50 18.97 -25.61 16.59
N THR A 51 20.26 -25.82 16.81
CA THR A 51 21.21 -25.24 15.87
C THR A 51 21.10 -25.80 14.46
N ARG A 52 20.89 -27.10 14.36
CA ARG A 52 20.69 -27.67 13.05
C ARG A 52 19.48 -27.02 12.31
N LEU A 53 18.38 -26.81 13.05
CA LEU A 53 17.24 -26.06 12.59
C LEU A 53 17.68 -24.69 12.08
N MET A 54 18.36 -23.91 12.91
CA MET A 54 18.62 -22.48 12.58
C MET A 54 19.58 -22.35 11.39
N LYS A 55 20.41 -23.38 11.21
CA LYS A 55 21.33 -23.48 10.09
C LYS A 55 20.73 -24.01 8.76
N GLY A 56 19.49 -24.53 8.77
CA GLY A 56 18.85 -24.99 7.59
C GLY A 56 19.07 -26.48 7.37
N GLU A 57 19.62 -27.21 8.33
CA GLU A 57 19.86 -28.65 8.08
C GLU A 57 18.60 -29.44 8.10
N ILE A 58 17.68 -29.03 8.95
CA ILE A 58 16.38 -29.67 9.09
C ILE A 58 15.30 -28.59 9.02
N THR A 59 14.05 -28.99 8.75
CA THR A 59 12.92 -28.09 8.75
C THR A 59 12.24 -28.03 10.13
N LEU A 60 11.35 -27.02 10.29
CA LEU A 60 10.66 -26.87 11.54
C LEU A 60 9.90 -28.16 11.91
N SER A 61 9.20 -28.80 10.98
CA SER A 61 8.37 -29.96 11.36
C SER A 61 9.23 -31.12 11.77
N GLN A 62 10.43 -31.22 11.21
CA GLN A 62 11.36 -32.25 11.66
C GLN A 62 11.90 -31.97 13.07
N TRP A 63 12.01 -30.70 13.45
CA TRP A 63 12.63 -30.35 14.74
C TRP A 63 11.63 -30.60 15.89
N ILE A 64 10.34 -30.48 15.60
CA ILE A 64 9.31 -30.49 16.59
C ILE A 64 9.41 -31.72 17.48
N PRO A 65 9.46 -32.93 16.91
CA PRO A 65 9.67 -34.13 17.71
C PRO A 65 11.05 -34.23 18.41
N LEU A 66 12.12 -33.62 17.85
CA LEU A 66 13.38 -33.56 18.59
C LEU A 66 13.30 -32.67 19.85
N MET A 67 12.73 -31.47 19.74
CA MET A 67 12.50 -30.63 20.92
C MET A 67 11.62 -31.38 21.95
N GLU A 68 10.64 -32.16 21.45
CA GLU A 68 9.73 -32.93 22.30
C GLU A 68 10.55 -33.88 23.17
N GLU A 69 11.48 -34.58 22.51
CA GLU A 69 12.34 -35.52 23.16
C GLU A 69 13.24 -34.81 24.18
N ASN A 70 13.88 -33.71 23.78
CA ASN A 70 14.64 -32.89 24.75
C ASN A 70 13.83 -32.51 26.02
N CYS A 71 12.55 -32.16 25.84
CA CYS A 71 11.64 -31.77 26.92
C CYS A 71 11.35 -32.91 27.88
N ARG A 72 11.12 -34.11 27.32
CA ARG A 72 11.05 -35.36 28.09
C ARG A 72 12.35 -35.55 28.91
N LYS A 73 13.52 -35.60 28.26
CA LYS A 73 14.82 -35.80 28.96
C LYS A 73 15.10 -34.75 30.05
N CYS A 74 14.85 -33.47 29.74
CA CYS A 74 14.95 -32.37 30.74
C CYS A 74 14.02 -32.59 31.95
N SER A 75 12.81 -33.09 31.72
CA SER A 75 11.84 -33.30 32.82
C SER A 75 12.14 -34.57 33.68
N GLU A 76 12.54 -35.67 33.03
CA GLU A 76 13.12 -36.84 33.74
C GLU A 76 14.36 -36.46 34.59
N THR A 77 15.33 -35.75 34.01
CA THR A 77 16.49 -35.27 34.80
C THR A 77 16.11 -34.32 35.98
N ALA A 78 15.08 -33.46 35.81
CA ALA A 78 14.64 -32.55 36.89
C ALA A 78 13.62 -33.22 37.87
N LYS A 79 13.36 -34.54 37.66
CA LYS A 79 12.34 -35.34 38.40
C LYS A 79 10.93 -34.68 38.51
N VAL A 80 10.39 -34.30 37.35
CA VAL A 80 9.00 -33.77 37.17
C VAL A 80 8.32 -34.42 35.95
N CYS A 81 7.01 -34.24 35.83
CA CYS A 81 6.27 -34.68 34.63
C CYS A 81 5.64 -33.53 33.86
N LEU A 82 5.70 -33.62 32.53
CA LEU A 82 5.01 -32.67 31.64
C LEU A 82 3.50 -32.97 31.68
N PRO A 83 2.64 -31.91 31.68
CA PRO A 83 1.18 -32.13 31.79
C PRO A 83 0.59 -32.90 30.62
N LYS A 84 -0.61 -33.45 30.81
CA LYS A 84 -1.33 -34.10 29.72
C LYS A 84 -1.75 -33.04 28.70
N ASN A 85 -1.56 -33.36 27.43
CA ASN A 85 -1.83 -32.42 26.33
C ASN A 85 -0.65 -31.51 25.97
N PHE A 86 0.41 -31.50 26.78
CA PHE A 86 1.58 -30.65 26.52
C PHE A 86 2.01 -30.82 25.06
N SER A 87 2.07 -29.71 24.32
CA SER A 87 2.26 -29.80 22.88
C SER A 87 3.20 -28.73 22.34
N ILE A 88 4.36 -29.18 21.87
CA ILE A 88 5.34 -28.25 21.32
C ILE A 88 4.84 -27.60 20.05
N LYS A 89 4.16 -28.36 19.21
CA LYS A 89 3.58 -27.80 17.98
C LYS A 89 2.63 -26.68 18.42
N GLU A 90 1.74 -27.02 19.35
CA GLU A 90 0.76 -26.05 19.87
C GLU A 90 1.39 -24.75 20.38
N ILE A 91 2.36 -24.91 21.26
CA ILE A 91 3.03 -23.73 21.84
C ILE A 91 3.61 -22.81 20.72
N PHE A 92 4.24 -23.41 19.70
CA PHE A 92 4.91 -22.61 18.68
C PHE A 92 3.93 -22.04 17.67
N ASP A 93 2.87 -22.76 17.33
CA ASP A 93 1.85 -22.22 16.47
C ASP A 93 1.33 -20.92 17.06
N LYS A 94 0.93 -20.98 18.34
CA LYS A 94 0.43 -19.87 19.13
C LYS A 94 1.47 -18.75 19.19
N ALA A 95 2.71 -19.09 19.52
CA ALA A 95 3.76 -18.06 19.67
C ALA A 95 4.00 -17.34 18.31
N ILE A 96 4.07 -18.12 17.23
CA ILE A 96 4.44 -17.53 15.97
C ILE A 96 3.33 -16.65 15.43
N SER A 97 2.04 -17.05 15.59
CA SER A 97 0.95 -16.11 15.24
C SER A 97 0.78 -14.93 16.19
N ALA A 98 1.20 -15.06 17.45
CA ALA A 98 1.11 -13.93 18.37
C ALA A 98 2.06 -12.80 17.96
N ARG A 99 3.16 -13.11 17.29
CA ARG A 99 4.21 -12.11 17.09
C ARG A 99 3.86 -11.13 15.95
N LYS A 100 3.95 -9.82 16.20
CA LYS A 100 3.47 -8.79 15.28
C LYS A 100 4.63 -7.91 15.05
N ILE A 101 4.60 -7.16 13.96
CA ILE A 101 5.57 -6.10 13.71
C ILE A 101 5.55 -5.06 14.82
N ASN A 102 6.72 -4.80 15.34
CA ASN A 102 6.92 -3.79 16.34
C ASN A 102 7.03 -2.48 15.58
N ARG A 103 5.89 -1.80 15.40
CA ARG A 103 5.78 -0.62 14.49
C ARG A 103 6.78 0.50 14.75
N PRO A 104 7.05 0.83 16.03
CA PRO A 104 8.01 1.95 16.11
C PRO A 104 9.44 1.57 15.70
N MET A 105 9.83 0.30 15.84
CA MET A 105 11.17 -0.09 15.40
C MET A 105 11.23 -0.02 13.86
N LEU A 106 10.23 -0.65 13.19
CA LEU A 106 10.11 -0.54 11.73
C LEU A 106 10.17 0.94 11.31
N GLN A 107 9.43 1.81 12.00
CA GLN A 107 9.38 3.21 11.49
C GLN A 107 10.74 3.88 11.69
N ALA A 108 11.45 3.56 12.80
CA ALA A 108 12.85 3.99 12.88
C ALA A 108 13.72 3.44 11.74
N ALA A 109 13.61 2.17 11.42
CA ALA A 109 14.45 1.63 10.35
C ALA A 109 14.18 2.38 9.05
N LEU A 110 12.89 2.67 8.76
CA LEU A 110 12.44 3.40 7.57
C LEU A 110 13.01 4.83 7.51
N MET A 111 12.91 5.54 8.64
CA MET A 111 13.47 6.89 8.69
C MET A 111 15.00 6.87 8.37
N LEU A 112 15.73 5.91 8.96
CA LEU A 112 17.16 5.77 8.78
C LEU A 112 17.42 5.47 7.32
N ARG A 113 16.62 4.59 6.72
CA ARG A 113 16.79 4.32 5.29
C ARG A 113 16.51 5.59 4.46
N LYS A 114 15.47 6.34 4.82
CA LYS A 114 15.22 7.63 4.16
C LYS A 114 16.38 8.66 4.26
N LYS A 115 17.16 8.62 5.34
CA LYS A 115 18.33 9.53 5.40
C LYS A 115 19.58 8.86 4.89
N GLY A 116 19.40 7.78 4.12
CA GLY A 116 20.50 7.24 3.35
C GLY A 116 21.24 6.07 3.95
N PHE A 117 20.81 5.57 5.13
CA PHE A 117 21.35 4.33 5.71
C PHE A 117 21.03 3.13 4.81
N THR A 118 21.96 2.19 4.79
CA THR A 118 21.69 0.87 4.24
C THR A 118 21.08 0.13 5.45
N THR A 119 19.98 -0.60 5.27
CA THR A 119 19.39 -1.29 6.42
C THR A 119 19.26 -2.78 6.17
N ALA A 120 19.35 -3.59 7.21
CA ALA A 120 19.29 -5.04 7.00
C ALA A 120 18.64 -5.71 8.18
N ILE A 121 18.12 -6.91 7.95
CA ILE A 121 17.59 -7.76 9.00
C ILE A 121 18.55 -8.94 9.02
N LEU A 122 19.09 -9.25 10.21
CA LEU A 122 19.93 -10.40 10.34
C LEU A 122 19.23 -11.23 11.41
N THR A 123 18.82 -12.44 11.04
CA THR A 123 18.06 -13.22 11.97
C THR A 123 18.40 -14.72 11.96
N ASN A 124 18.35 -15.33 13.14
CA ASN A 124 18.37 -16.73 13.34
C ASN A 124 16.95 -17.18 13.15
N THR A 125 16.68 -17.95 12.10
CA THR A 125 15.36 -18.42 11.84
C THR A 125 15.43 -19.78 11.10
N TRP A 126 14.26 -20.33 10.77
CA TRP A 126 14.10 -21.72 10.40
C TRP A 126 13.32 -21.79 9.10
N LEU A 127 13.49 -22.92 8.42
CA LEU A 127 12.63 -23.34 7.31
C LEU A 127 11.29 -23.87 7.81
N ASP A 128 10.24 -23.10 7.53
CA ASP A 128 8.97 -23.33 8.13
C ASP A 128 8.04 -24.08 7.19
N ASP A 129 7.83 -25.37 7.46
CA ASP A 129 6.93 -26.24 6.68
C ASP A 129 5.65 -26.68 7.43
N ARG A 130 5.25 -25.96 8.46
CA ARG A 130 4.06 -26.30 9.28
C ARG A 130 2.82 -25.99 8.42
N ALA A 131 1.68 -26.64 8.71
CA ALA A 131 0.42 -26.33 8.05
C ALA A 131 0.14 -24.80 8.07
N GLU A 132 0.54 -24.10 9.13
CA GLU A 132 0.17 -22.71 9.29
C GLU A 132 1.30 -21.74 8.86
N ARG A 133 2.30 -22.23 8.12
CA ARG A 133 3.48 -21.40 7.71
C ARG A 133 3.16 -20.10 6.98
N ASP A 134 2.00 -20.03 6.36
CA ASP A 134 1.63 -18.85 5.59
C ASP A 134 1.65 -17.57 6.47
N GLY A 135 1.37 -17.74 7.76
CA GLY A 135 1.32 -16.55 8.62
C GLY A 135 2.69 -15.94 8.73
N LEU A 136 3.71 -16.75 8.92
CA LEU A 136 5.03 -16.18 9.01
C LEU A 136 5.47 -15.62 7.61
N ALA A 137 5.12 -16.33 6.52
CA ALA A 137 5.49 -15.90 5.15
C ALA A 137 4.95 -14.46 4.95
N GLN A 138 3.71 -14.22 5.43
CA GLN A 138 3.14 -12.90 5.33
C GLN A 138 3.97 -11.89 6.13
N LEU A 139 4.28 -12.19 7.39
CA LEU A 139 5.00 -11.23 8.21
C LEU A 139 6.33 -10.91 7.51
N MET A 140 7.02 -11.93 6.99
CA MET A 140 8.36 -11.69 6.42
C MET A 140 8.23 -10.85 5.17
N CYS A 141 7.19 -11.09 4.34
CA CYS A 141 6.96 -10.17 3.18
C CYS A 141 6.71 -8.77 3.58
N GLU A 142 5.82 -8.56 4.54
CA GLU A 142 5.54 -7.23 4.94
C GLU A 142 6.85 -6.52 5.46
N LEU A 143 7.63 -7.19 6.30
CA LEU A 143 8.83 -6.56 6.83
C LEU A 143 9.90 -6.33 5.76
N LYS A 144 10.18 -7.35 4.96
CA LYS A 144 11.44 -7.33 4.22
C LYS A 144 11.47 -6.31 3.11
N MET A 145 10.31 -5.89 2.61
CA MET A 145 10.24 -4.92 1.47
C MET A 145 10.77 -3.56 1.93
N HIS A 146 10.88 -3.38 3.24
CA HIS A 146 11.37 -2.10 3.77
C HIS A 146 12.87 -2.02 3.94
N PHE A 147 13.59 -3.08 3.59
CA PHE A 147 15.03 -3.19 3.93
C PHE A 147 15.93 -3.47 2.71
N ASP A 148 17.20 -3.13 2.79
CA ASP A 148 18.15 -3.43 1.68
C ASP A 148 18.48 -4.88 1.56
N PHE A 149 18.55 -5.58 2.68
CA PHE A 149 18.94 -6.98 2.69
C PHE A 149 18.21 -7.67 3.83
N LEU A 150 17.98 -8.95 3.64
CA LEU A 150 17.45 -9.82 4.65
C LEU A 150 18.40 -11.01 4.68
N ILE A 151 18.99 -11.32 5.83
CA ILE A 151 19.95 -12.40 5.93
C ILE A 151 19.40 -13.36 6.95
N GLU A 152 19.01 -14.55 6.50
CA GLU A 152 18.40 -15.59 7.37
C GLU A 152 19.36 -16.72 7.64
N SER A 153 19.55 -17.05 8.93
CA SER A 153 20.52 -18.05 9.27
C SER A 153 20.30 -19.28 8.45
N CYS A 154 19.05 -19.75 8.35
CA CYS A 154 18.79 -21.01 7.68
C CYS A 154 19.05 -20.98 6.12
N GLN A 155 19.09 -19.80 5.50
CA GLN A 155 19.38 -19.74 4.09
C GLN A 155 20.91 -19.69 3.89
N VAL A 156 21.68 -19.10 4.83
CA VAL A 156 23.11 -18.98 4.65
C VAL A 156 23.95 -20.06 5.34
N GLY A 157 23.33 -20.92 6.15
CA GLY A 157 24.05 -22.02 6.78
C GLY A 157 24.90 -21.63 7.99
N MET A 158 24.65 -20.45 8.58
CA MET A 158 25.45 -19.87 9.67
C MET A 158 24.48 -19.22 10.71
N VAL A 159 24.85 -19.10 11.98
CA VAL A 159 23.93 -18.60 13.04
C VAL A 159 24.64 -17.55 13.87
N LYS A 160 23.94 -16.52 14.32
CA LYS A 160 24.46 -15.77 15.45
C LYS A 160 24.60 -16.79 16.61
N PRO A 161 25.65 -16.69 17.43
CA PRO A 161 26.79 -15.79 17.50
C PRO A 161 28.07 -16.18 16.75
N GLU A 162 28.03 -17.16 15.84
CA GLU A 162 29.25 -17.55 15.13
C GLU A 162 29.84 -16.36 14.41
N PRO A 163 31.17 -16.19 14.49
CA PRO A 163 31.77 -14.97 13.92
C PRO A 163 31.62 -14.82 12.38
N GLN A 164 31.53 -15.94 11.65
CA GLN A 164 31.47 -15.98 10.20
C GLN A 164 30.21 -15.23 9.66
N ILE A 165 29.06 -15.37 10.34
CA ILE A 165 27.85 -14.64 9.90
C ILE A 165 28.04 -13.09 9.98
N TYR A 166 28.82 -12.58 10.96
CA TYR A 166 29.07 -11.15 11.04
C TYR A 166 29.97 -10.74 9.93
N LYS A 167 30.93 -11.63 9.57
CA LYS A 167 31.77 -11.33 8.40
C LYS A 167 30.91 -11.35 7.16
N PHE A 168 30.03 -12.33 7.05
CA PHE A 168 29.10 -12.37 5.89
C PHE A 168 28.24 -11.11 5.83
N LEU A 169 27.70 -10.70 7.00
CA LEU A 169 26.98 -9.41 7.11
C LEU A 169 27.76 -8.23 6.57
N LEU A 170 29.01 -8.07 7.04
CA LEU A 170 29.84 -6.91 6.64
C LEU A 170 30.05 -6.90 5.17
N ASP A 171 30.24 -8.12 4.62
CA ASP A 171 30.53 -8.23 3.22
C ASP A 171 29.28 -7.90 2.42
N THR A 172 28.10 -8.36 2.88
CA THR A 172 26.82 -8.00 2.20
C THR A 172 26.60 -6.52 2.25
N LEU A 173 26.93 -5.88 3.38
CA LEU A 173 26.70 -4.42 3.51
C LEU A 173 27.73 -3.62 2.74
N LYS A 174 28.91 -4.19 2.44
CA LYS A 174 29.96 -3.36 1.82
C LYS A 174 30.28 -2.14 2.67
N ALA A 175 30.49 -2.41 3.95
CA ALA A 175 30.77 -1.39 4.94
C ALA A 175 31.80 -1.97 5.89
N SER A 176 32.60 -1.12 6.52
CA SER A 176 33.48 -1.56 7.62
C SER A 176 32.68 -1.53 8.93
N PRO A 177 33.11 -2.33 9.93
CA PRO A 177 32.36 -2.51 11.17
C PRO A 177 32.00 -1.21 11.87
N SER A 178 32.92 -0.26 11.91
CA SER A 178 32.67 1.03 12.55
C SER A 178 31.60 1.85 11.81
N GLU A 179 31.17 1.40 10.64
CA GLU A 179 30.09 2.16 9.98
C GLU A 179 28.67 1.61 10.28
N VAL A 180 28.60 0.60 11.15
CA VAL A 180 27.41 -0.18 11.36
C VAL A 180 26.90 -0.11 12.81
N VAL A 181 25.58 0.11 12.98
CA VAL A 181 24.93 -0.10 14.28
C VAL A 181 24.08 -1.37 14.17
N PHE A 182 24.17 -2.21 15.18
CA PHE A 182 23.50 -3.49 15.16
C PHE A 182 22.61 -3.61 16.41
N LEU A 183 21.32 -3.90 16.23
CA LEU A 183 20.44 -4.05 17.40
C LEU A 183 19.98 -5.48 17.58
N ASP A 184 19.99 -5.96 18.82
CA ASP A 184 19.63 -7.34 19.15
C ASP A 184 19.08 -7.39 20.58
N ASP A 185 18.15 -8.32 20.86
CA ASP A 185 17.69 -8.45 22.25
C ASP A 185 18.56 -9.46 23.07
N ILE A 186 19.51 -10.14 22.40
CA ILE A 186 20.31 -11.19 23.05
C ILE A 186 21.75 -10.71 23.10
N GLY A 187 22.26 -10.51 24.31
CA GLY A 187 23.58 -9.89 24.53
C GLY A 187 24.68 -10.78 23.96
N ALA A 188 24.52 -12.08 24.06
CA ALA A 188 25.54 -12.98 23.51
C ALA A 188 25.68 -12.72 22.00
N ASN A 189 24.57 -12.33 21.36
CA ASN A 189 24.61 -12.07 19.89
C ASN A 189 25.26 -10.76 19.48
N LEU A 190 25.30 -9.82 20.40
CA LEU A 190 25.91 -8.53 20.17
C LEU A 190 27.43 -8.55 20.24
N LYS A 191 27.94 -9.31 21.21
CA LYS A 191 29.39 -9.44 21.46
C LYS A 191 30.25 -9.58 20.20
N PRO A 192 29.91 -10.53 19.28
CA PRO A 192 30.89 -10.56 18.17
C PRO A 192 30.83 -9.31 17.30
N ALA A 193 29.67 -8.64 17.23
CA ALA A 193 29.63 -7.35 16.52
C ALA A 193 30.49 -6.36 17.26
N ARG A 194 30.33 -6.28 18.58
CA ARG A 194 31.19 -5.37 19.39
C ARG A 194 32.72 -5.67 19.17
N ASP A 195 33.15 -6.92 19.38
CA ASP A 195 34.54 -7.36 19.03
C ASP A 195 35.04 -6.82 17.70
N LEU A 196 34.19 -6.64 16.70
CA LEU A 196 34.66 -6.11 15.41
C LEU A 196 34.65 -4.61 15.38
N GLY A 197 34.09 -3.99 16.44
CA GLY A 197 33.97 -2.51 16.52
C GLY A 197 32.69 -1.90 15.95
N MET A 198 31.65 -2.71 15.76
CA MET A 198 30.30 -2.18 15.44
C MET A 198 29.69 -1.53 16.71
N VAL A 199 28.91 -0.45 16.51
CA VAL A 199 28.04 0.09 17.58
C VAL A 199 26.97 -0.97 17.76
N THR A 200 26.67 -1.29 19.00
CA THR A 200 25.64 -2.27 19.25
C THR A 200 24.64 -1.65 20.19
N ILE A 201 23.41 -2.11 20.12
CA ILE A 201 22.38 -1.71 21.07
C ILE A 201 21.70 -2.97 21.55
N LEU A 202 21.63 -3.09 22.86
CA LEU A 202 20.94 -4.18 23.52
C LEU A 202 19.50 -3.72 23.67
N VAL A 203 18.56 -4.41 22.98
CA VAL A 203 17.12 -4.01 22.97
C VAL A 203 16.31 -4.69 24.07
N GLN A 204 16.00 -3.98 25.15
CA GLN A 204 14.98 -4.48 26.07
C GLN A 204 13.66 -3.86 25.67
N ASP A 205 13.25 -2.76 26.29
CA ASP A 205 12.06 -2.05 25.78
C ASP A 205 12.47 -1.23 24.53
N THR A 206 11.56 -1.11 23.58
CA THR A 206 11.78 -0.39 22.35
C THR A 206 12.22 1.06 22.48
N ASP A 207 11.53 1.85 23.33
CA ASP A 207 11.80 3.31 23.41
C ASP A 207 13.24 3.65 23.82
N THR A 208 13.77 2.94 24.80
CA THR A 208 15.16 3.17 25.24
C THR A 208 16.16 2.74 24.16
N ALA A 209 15.90 1.61 23.50
CA ALA A 209 16.70 1.25 22.32
C ALA A 209 16.65 2.37 21.24
N LEU A 210 15.45 2.92 20.95
CA LEU A 210 15.35 3.98 19.92
C LEU A 210 16.10 5.20 20.38
N LYS A 211 16.09 5.44 21.70
CA LYS A 211 16.75 6.61 22.27
C LYS A 211 18.24 6.48 22.07
N GLU A 212 18.76 5.31 22.41
CA GLU A 212 20.21 5.07 22.09
C GLU A 212 20.46 5.16 20.57
N LEU A 213 19.53 4.63 19.76
CA LEU A 213 19.77 4.61 18.30
C LEU A 213 19.83 6.02 17.76
N GLU A 214 19.02 6.87 18.37
CA GLU A 214 18.91 8.26 17.98
C GLU A 214 20.19 9.00 18.41
N LYS A 215 20.63 8.74 19.64
CA LYS A 215 21.85 9.43 20.11
C LYS A 215 23.01 9.07 19.21
N VAL A 216 23.19 7.77 18.99
CA VAL A 216 24.32 7.33 18.22
C VAL A 216 24.28 7.71 16.71
N THR A 217 23.09 7.82 16.09
CA THR A 217 23.06 8.23 14.67
C THR A 217 22.95 9.70 14.42
N GLY A 218 22.51 10.45 15.44
CA GLY A 218 22.25 11.90 15.32
C GLY A 218 20.99 12.19 14.53
N ILE A 219 20.10 11.23 14.41
CA ILE A 219 18.83 11.41 13.65
C ILE A 219 17.61 11.28 14.56
N GLN A 220 16.62 12.15 14.40
CA GLN A 220 15.44 11.98 15.22
C GLN A 220 14.54 10.81 14.83
N LEU A 221 14.33 9.85 15.76
CA LEU A 221 13.58 8.64 15.43
C LEU A 221 12.37 8.48 16.33
N LEU A 222 12.46 9.03 17.53
CA LEU A 222 11.36 8.97 18.47
C LEU A 222 10.49 10.24 18.37
N ASN A 223 9.20 10.15 18.57
CA ASN A 223 8.35 11.39 18.68
C ASN A 223 8.31 12.15 17.37
N THR A 224 8.65 11.47 16.29
CA THR A 224 8.66 12.01 14.94
C THR A 224 7.23 12.22 14.40
N PRO A 225 7.01 13.16 13.44
CA PRO A 225 5.60 13.19 12.97
C PRO A 225 5.13 11.84 12.33
N ALA A 226 3.82 11.66 12.24
CA ALA A 226 3.25 10.40 11.69
C ALA A 226 3.68 10.25 10.21
N PRO A 227 4.31 9.13 9.84
CA PRO A 227 4.88 9.03 8.47
C PRO A 227 3.76 8.80 7.40
N LEU A 228 4.02 9.09 6.13
CA LEU A 228 3.01 8.72 5.10
C LEU A 228 2.89 7.16 4.97
N PRO A 229 1.76 6.62 4.46
CA PRO A 229 1.74 5.19 4.11
C PRO A 229 2.87 4.87 3.11
N THR A 230 3.20 3.59 2.96
CA THR A 230 4.20 3.13 1.92
C THR A 230 3.70 3.56 0.53
N SER A 231 4.60 4.02 -0.32
CA SER A 231 4.26 4.40 -1.70
C SER A 231 4.82 3.27 -2.60
N CYS A 232 4.77 3.41 -3.91
CA CYS A 232 5.16 2.30 -4.81
C CYS A 232 6.29 2.77 -5.63
N ASN A 233 7.32 1.97 -5.80
CA ASN A 233 8.29 2.31 -6.86
C ASN A 233 7.84 1.67 -8.23
N PRO A 234 7.57 2.49 -9.30
CA PRO A 234 7.03 1.89 -10.52
C PRO A 234 7.76 0.72 -11.02
N SER A 235 9.08 0.73 -10.95
CA SER A 235 9.84 -0.36 -11.57
C SER A 235 9.91 -1.56 -10.65
N ASP A 236 9.38 -1.48 -9.45
CA ASP A 236 9.26 -2.67 -8.66
C ASP A 236 7.90 -3.38 -8.74
N MET A 237 7.01 -2.92 -9.60
CA MET A 237 5.63 -3.42 -9.56
C MET A 237 5.48 -4.52 -10.62
N SER A 238 4.50 -5.39 -10.43
CA SER A 238 4.05 -6.21 -11.56
C SER A 238 3.15 -5.33 -12.50
N HIS A 239 3.55 -5.21 -13.78
CA HIS A 239 2.81 -4.50 -14.82
C HIS A 239 2.02 -5.47 -15.67
N GLY A 240 0.71 -5.25 -15.73
CA GLY A 240 -0.10 -6.11 -16.58
C GLY A 240 -0.72 -5.43 -17.78
N TYR A 241 -0.92 -6.19 -18.86
CA TYR A 241 -1.48 -5.62 -20.10
C TYR A 241 -2.54 -6.56 -20.68
N VAL A 242 -3.70 -6.01 -21.00
CA VAL A 242 -4.80 -6.80 -21.55
C VAL A 242 -5.36 -6.07 -22.77
N THR A 243 -5.44 -6.78 -23.90
CA THR A 243 -6.09 -6.23 -25.11
C THR A 243 -7.58 -6.49 -24.99
N VAL A 244 -8.35 -5.42 -24.88
CA VAL A 244 -9.80 -5.55 -24.79
C VAL A 244 -10.51 -5.46 -26.17
N LYS A 245 -9.82 -4.96 -27.20
CA LYS A 245 -10.30 -5.05 -28.59
C LYS A 245 -9.16 -4.65 -29.52
N PRO A 246 -9.28 -4.82 -30.86
CA PRO A 246 -8.06 -4.63 -31.70
C PRO A 246 -7.29 -3.32 -31.51
N ARG A 247 -7.89 -2.18 -31.38
CA ARG A 247 -6.94 -1.09 -31.18
C ARG A 247 -6.63 -0.77 -29.70
N VAL A 248 -7.14 -1.54 -28.74
CA VAL A 248 -7.18 -1.01 -27.35
C VAL A 248 -6.59 -1.98 -26.39
N ARG A 249 -5.47 -1.63 -25.80
CA ARG A 249 -4.94 -2.48 -24.72
C ARG A 249 -4.95 -1.62 -23.40
N LEU A 250 -5.18 -2.24 -22.24
CA LEU A 250 -5.23 -1.52 -20.99
C LEU A 250 -4.07 -2.00 -20.11
N HIS A 251 -3.38 -1.07 -19.49
CA HIS A 251 -2.24 -1.41 -18.66
C HIS A 251 -2.71 -1.29 -17.20
N PHE A 252 -2.20 -2.12 -16.27
CA PHE A 252 -2.53 -1.93 -14.89
C PHE A 252 -1.30 -2.41 -14.10
N VAL A 253 -1.27 -2.06 -12.80
CA VAL A 253 -0.28 -2.51 -11.87
C VAL A 253 -1.06 -3.39 -10.91
N GLU A 254 -0.42 -4.41 -10.36
CA GLU A 254 -1.13 -5.50 -9.65
C GLU A 254 -0.36 -5.89 -8.44
N LEU A 255 -0.98 -5.85 -7.29
CA LEU A 255 -0.27 -6.24 -6.06
C LEU A 255 -1.24 -6.91 -5.07
N GLY A 256 -0.83 -8.05 -4.47
CA GLY A 256 -1.62 -8.65 -3.40
C GLY A 256 -2.46 -9.82 -3.82
N SER A 257 -3.08 -10.49 -2.83
CA SER A 257 -4.01 -11.62 -3.15
C SER A 257 -5.26 -11.42 -2.33
N GLY A 258 -6.35 -12.06 -2.74
CA GLY A 258 -7.64 -11.92 -2.06
C GLY A 258 -8.64 -11.35 -3.09
N PRO A 259 -9.77 -10.82 -2.63
CA PRO A 259 -10.82 -10.28 -3.55
C PRO A 259 -10.21 -9.18 -4.40
N ALA A 260 -10.55 -9.21 -5.70
CA ALA A 260 -10.00 -8.27 -6.68
C ALA A 260 -10.60 -6.85 -6.46
N VAL A 261 -9.73 -5.85 -6.50
CA VAL A 261 -10.15 -4.46 -6.20
C VAL A 261 -9.56 -3.61 -7.32
N CYS A 262 -10.41 -3.04 -8.15
CA CYS A 262 -9.93 -2.33 -9.35
C CYS A 262 -9.99 -0.83 -9.11
N LEU A 263 -8.86 -0.16 -9.14
CA LEU A 263 -8.78 1.27 -8.82
C LEU A 263 -8.78 2.09 -10.14
N CYS A 264 -9.64 3.08 -10.22
CA CYS A 264 -9.86 3.84 -11.44
C CYS A 264 -9.66 5.32 -11.17
N HIS A 265 -8.56 5.85 -11.69
CA HIS A 265 -8.15 7.25 -11.45
C HIS A 265 -8.94 8.26 -12.30
N GLY A 266 -8.78 9.55 -11.96
CA GLY A 266 -9.55 10.64 -12.60
C GLY A 266 -8.66 11.39 -13.61
N PHE A 267 -9.07 12.61 -13.95
CA PHE A 267 -8.36 13.39 -14.95
C PHE A 267 -7.47 14.42 -14.25
N PRO A 268 -6.27 14.66 -14.75
CA PRO A 268 -5.51 13.98 -15.75
C PRO A 268 -4.49 13.18 -14.98
N GLU A 269 -4.80 11.92 -14.65
CA GLU A 269 -3.98 11.25 -13.65
C GLU A 269 -3.30 9.93 -14.18
N SER A 270 -3.26 8.82 -13.39
CA SER A 270 -2.38 7.67 -13.71
C SER A 270 -2.72 6.63 -12.67
N TRP A 271 -2.42 5.35 -12.96
CA TRP A 271 -2.38 4.32 -11.87
C TRP A 271 -1.60 4.82 -10.67
N TYR A 272 -0.55 5.58 -10.94
CA TYR A 272 0.36 6.07 -9.87
C TYR A 272 -0.30 7.00 -8.85
N SER A 273 -1.46 7.52 -9.21
CA SER A 273 -2.19 8.36 -8.30
C SER A 273 -2.69 7.52 -7.13
N TRP A 274 -2.69 6.18 -7.25
CA TRP A 274 -3.10 5.35 -6.13
C TRP A 274 -1.87 4.85 -5.37
N ARG A 275 -0.69 5.42 -5.64
CA ARG A 275 0.56 4.85 -5.03
C ARG A 275 0.51 4.61 -3.49
N TYR A 276 -0.25 5.43 -2.76
CA TYR A 276 -0.34 5.31 -1.34
C TYR A 276 -1.42 4.27 -0.92
N GLN A 277 -2.37 3.98 -1.79
CA GLN A 277 -3.39 2.98 -1.43
C GLN A 277 -2.94 1.58 -1.84
N ILE A 278 -2.13 1.48 -2.89
CA ILE A 278 -1.83 0.12 -3.42
C ILE A 278 -1.21 -0.85 -2.40
N PRO A 279 -0.05 -0.51 -1.76
CA PRO A 279 0.49 -1.42 -0.71
C PRO A 279 -0.44 -1.63 0.52
N ALA A 280 -1.05 -0.53 1.01
CA ALA A 280 -2.01 -0.70 2.13
C ALA A 280 -3.18 -1.66 1.83
N LEU A 281 -3.83 -1.53 0.67
CA LEU A 281 -4.97 -2.43 0.36
C LEU A 281 -4.48 -3.88 0.15
N ALA A 282 -3.30 -4.05 -0.46
CA ALA A 282 -2.74 -5.43 -0.63
C ALA A 282 -2.46 -6.00 0.76
N GLN A 283 -1.82 -5.15 1.57
CA GLN A 283 -1.50 -5.56 2.97
C GLN A 283 -2.77 -5.92 3.74
N ALA A 284 -3.85 -5.24 3.47
CA ALA A 284 -5.12 -5.56 4.17
C ALA A 284 -5.86 -6.81 3.63
N GLY A 285 -5.31 -7.52 2.64
CA GLY A 285 -5.93 -8.79 2.20
C GLY A 285 -6.68 -8.66 0.85
N TYR A 286 -6.31 -7.69 0.00
CA TYR A 286 -6.92 -7.58 -1.31
C TYR A 286 -5.92 -7.69 -2.48
N ARG A 287 -6.46 -8.09 -3.64
CA ARG A 287 -5.77 -8.11 -4.91
C ARG A 287 -6.01 -6.79 -5.60
N VAL A 288 -4.99 -5.94 -5.61
CA VAL A 288 -5.27 -4.59 -6.16
C VAL A 288 -4.99 -4.58 -7.67
N LEU A 289 -5.88 -4.02 -8.48
CA LEU A 289 -5.55 -3.76 -9.90
C LEU A 289 -5.68 -2.23 -10.11
N ALA A 290 -4.56 -1.52 -10.23
CA ALA A 290 -4.61 -0.04 -10.34
C ALA A 290 -4.48 0.22 -11.82
N MET A 291 -5.53 0.70 -12.44
CA MET A 291 -5.48 0.92 -13.91
C MET A 291 -4.71 2.18 -14.38
N ASP A 292 -4.16 2.14 -15.61
CA ASP A 292 -4.10 3.35 -16.45
C ASP A 292 -5.42 3.29 -17.19
N MET A 293 -6.27 4.27 -16.99
CA MET A 293 -7.57 4.23 -17.70
C MET A 293 -7.30 4.52 -19.17
N LYS A 294 -8.24 4.13 -20.01
CA LYS A 294 -8.09 4.40 -21.45
C LYS A 294 -7.76 5.88 -21.70
N GLY A 295 -6.76 6.14 -22.55
CA GLY A 295 -6.29 7.53 -22.74
C GLY A 295 -4.97 7.87 -22.03
N TYR A 296 -4.49 7.00 -21.16
CA TYR A 296 -3.46 7.36 -20.25
C TYR A 296 -2.32 6.38 -20.19
N GLY A 297 -1.13 6.95 -20.00
CA GLY A 297 0.02 6.18 -19.52
C GLY A 297 0.33 5.10 -20.55
N GLU A 298 0.47 3.86 -20.08
CA GLU A 298 0.73 2.75 -20.99
C GLU A 298 -0.54 2.10 -21.57
N SER A 299 -1.76 2.62 -21.28
CA SER A 299 -3.00 2.13 -21.96
C SER A 299 -3.11 2.75 -23.34
N SER A 300 -3.86 2.15 -24.26
CA SER A 300 -3.98 2.73 -25.59
C SER A 300 -4.76 4.04 -25.45
N ALA A 301 -4.63 4.90 -26.46
CA ALA A 301 -5.17 6.23 -26.47
C ALA A 301 -5.66 6.58 -27.87
N PRO A 302 -6.75 5.99 -28.32
CA PRO A 302 -7.17 6.31 -29.70
C PRO A 302 -7.73 7.73 -29.74
N PRO A 303 -7.63 8.41 -30.91
CA PRO A 303 -7.98 9.83 -31.06
C PRO A 303 -9.46 10.12 -31.05
N GLU A 304 -10.30 9.17 -31.40
CA GLU A 304 -11.71 9.55 -31.64
C GLU A 304 -12.51 9.81 -30.37
N ILE A 305 -13.32 10.87 -30.38
CA ILE A 305 -14.11 11.25 -29.22
C ILE A 305 -14.97 10.14 -28.62
N GLU A 306 -15.66 9.39 -29.46
CA GLU A 306 -16.68 8.41 -29.04
C GLU A 306 -16.04 7.18 -28.42
N GLU A 307 -14.75 6.96 -28.66
CA GLU A 307 -14.02 5.90 -27.96
C GLU A 307 -14.04 6.12 -26.45
N TYR A 308 -14.41 7.33 -25.99
CA TYR A 308 -14.29 7.70 -24.60
C TYR A 308 -15.65 8.00 -23.93
N CYS A 309 -16.76 7.65 -24.58
CA CYS A 309 -18.09 7.76 -23.94
C CYS A 309 -18.21 6.66 -22.86
N MET A 310 -19.05 6.88 -21.84
CA MET A 310 -19.14 6.02 -20.64
C MET A 310 -19.49 4.57 -21.04
N GLU A 311 -20.46 4.44 -21.95
CA GLU A 311 -20.82 3.12 -22.49
C GLU A 311 -19.68 2.30 -23.00
N VAL A 312 -18.84 2.89 -23.86
CA VAL A 312 -17.73 2.14 -24.46
C VAL A 312 -16.71 1.87 -23.37
N LEU A 313 -16.56 2.81 -22.44
CA LEU A 313 -15.56 2.67 -21.42
C LEU A 313 -15.88 1.52 -20.49
N CYS A 314 -17.13 1.46 -20.03
CA CYS A 314 -17.64 0.41 -19.17
C CYS A 314 -17.59 -0.96 -19.83
N LYS A 315 -17.99 -1.03 -21.12
CA LYS A 315 -17.99 -2.31 -21.85
C LYS A 315 -16.56 -2.79 -21.85
N GLU A 316 -15.62 -1.92 -22.17
CA GLU A 316 -14.20 -2.36 -22.15
C GLU A 316 -13.72 -2.82 -20.78
N MET A 317 -14.20 -2.19 -19.71
CA MET A 317 -13.82 -2.64 -18.32
C MET A 317 -14.38 -4.02 -18.02
N VAL A 318 -15.58 -4.32 -18.55
CA VAL A 318 -16.14 -5.66 -18.47
C VAL A 318 -15.25 -6.68 -19.22
N THR A 319 -14.88 -6.35 -20.46
CA THR A 319 -13.99 -7.21 -21.24
C THR A 319 -12.66 -7.43 -20.49
N PHE A 320 -12.17 -6.38 -19.82
CA PHE A 320 -10.92 -6.47 -19.10
C PHE A 320 -11.12 -7.56 -18.00
N LEU A 321 -12.22 -7.51 -17.24
CA LEU A 321 -12.53 -8.61 -16.31
C LEU A 321 -12.61 -10.00 -17.02
N ASP A 322 -13.42 -10.11 -18.10
CA ASP A 322 -13.51 -11.36 -18.91
C ASP A 322 -12.12 -11.90 -19.25
N LYS A 323 -11.23 -11.10 -19.83
CA LYS A 323 -9.97 -11.64 -20.25
C LYS A 323 -9.07 -12.03 -19.06
N LEU A 324 -9.25 -11.42 -17.89
CA LEU A 324 -8.42 -11.80 -16.72
C LEU A 324 -9.03 -12.96 -16.02
N GLY A 325 -10.26 -13.32 -16.41
CA GLY A 325 -10.96 -14.49 -15.81
C GLY A 325 -11.59 -14.06 -14.46
N LEU A 326 -12.05 -12.82 -14.32
CA LEU A 326 -12.53 -12.30 -13.00
C LEU A 326 -14.01 -12.18 -13.16
N SER A 327 -14.80 -12.93 -12.40
CA SER A 327 -16.24 -12.78 -12.51
C SER A 327 -16.70 -11.44 -11.90
N GLN A 328 -15.96 -10.90 -10.91
CA GLN A 328 -16.26 -9.58 -10.35
C GLN A 328 -15.00 -8.89 -9.87
N ALA A 329 -15.14 -7.59 -9.58
CA ALA A 329 -14.17 -6.88 -8.77
C ALA A 329 -14.94 -5.85 -7.99
N VAL A 330 -14.34 -5.43 -6.90
CA VAL A 330 -14.72 -4.19 -6.23
C VAL A 330 -14.22 -3.01 -7.10
N PHE A 331 -15.09 -2.04 -7.42
CA PHE A 331 -14.61 -0.92 -8.20
C PHE A 331 -14.55 0.33 -7.33
N ILE A 332 -13.40 0.94 -7.32
CA ILE A 332 -13.20 2.19 -6.57
C ILE A 332 -12.63 3.24 -7.53
N GLY A 333 -13.33 4.37 -7.63
CA GLY A 333 -13.02 5.43 -8.55
C GLY A 333 -12.83 6.79 -7.93
N HIS A 334 -12.17 7.72 -8.64
CA HIS A 334 -11.97 9.11 -8.14
C HIS A 334 -12.16 10.01 -9.34
N ASP A 335 -12.96 11.06 -9.21
CA ASP A 335 -13.11 12.06 -10.30
C ASP A 335 -13.78 11.36 -11.49
N TRP A 336 -13.25 11.48 -12.72
CA TRP A 336 -13.85 10.71 -13.83
C TRP A 336 -13.98 9.19 -13.53
N GLY A 337 -12.95 8.63 -12.89
CA GLY A 337 -13.01 7.18 -12.52
C GLY A 337 -14.21 6.93 -11.58
N GLY A 338 -14.54 7.96 -10.77
CA GLY A 338 -15.67 7.84 -9.83
C GLY A 338 -16.97 7.75 -10.58
N MET A 339 -17.15 8.61 -11.60
CA MET A 339 -18.35 8.59 -12.42
C MET A 339 -18.47 7.22 -13.09
N LEU A 340 -17.33 6.69 -13.55
CA LEU A 340 -17.36 5.44 -14.28
C LEU A 340 -17.80 4.26 -13.38
N VAL A 341 -17.32 4.24 -12.15
CA VAL A 341 -17.68 3.16 -11.28
C VAL A 341 -19.18 3.20 -10.91
N TRP A 342 -19.74 4.38 -10.70
CA TRP A 342 -21.21 4.42 -10.51
C TRP A 342 -21.91 3.85 -11.74
N TYR A 343 -21.49 4.22 -12.96
CA TYR A 343 -22.07 3.57 -14.14
C TYR A 343 -21.90 2.02 -14.22
N MET A 344 -20.74 1.51 -13.81
CA MET A 344 -20.53 0.04 -13.72
C MET A 344 -21.56 -0.61 -12.77
N ALA A 345 -21.75 -0.01 -11.61
CA ALA A 345 -22.71 -0.49 -10.62
C ALA A 345 -24.13 -0.53 -11.24
N LEU A 346 -24.48 0.48 -12.02
CA LEU A 346 -25.83 0.58 -12.65
C LEU A 346 -26.08 -0.26 -13.84
N PHE A 347 -25.05 -0.51 -14.65
CA PHE A 347 -25.22 -1.30 -15.86
C PHE A 347 -24.68 -2.72 -15.80
N TYR A 348 -23.75 -3.02 -14.88
CA TYR A 348 -23.14 -4.36 -14.76
C TYR A 348 -23.04 -4.75 -13.28
N PRO A 349 -24.15 -4.66 -12.52
CA PRO A 349 -24.07 -5.02 -11.09
C PRO A 349 -23.60 -6.44 -10.85
N GLU A 350 -23.84 -7.36 -11.78
CA GLU A 350 -23.33 -8.76 -11.62
C GLU A 350 -21.77 -8.80 -11.61
N ARG A 351 -21.13 -7.80 -12.21
CA ARG A 351 -19.64 -7.79 -12.32
C ARG A 351 -18.98 -7.01 -11.20
N VAL A 352 -19.81 -6.27 -10.43
CA VAL A 352 -19.31 -5.39 -9.39
C VAL A 352 -19.64 -5.95 -8.00
N ARG A 353 -18.60 -6.34 -7.27
CA ARG A 353 -18.69 -6.87 -5.93
C ARG A 353 -19.16 -5.76 -4.96
N ALA A 354 -18.66 -4.55 -5.14
CA ALA A 354 -19.01 -3.37 -4.33
C ALA A 354 -18.47 -2.15 -5.12
N VAL A 355 -19.03 -0.98 -4.86
CA VAL A 355 -18.60 0.22 -5.58
C VAL A 355 -18.30 1.29 -4.57
N ALA A 356 -17.20 2.01 -4.78
CA ALA A 356 -16.91 3.20 -4.01
C ALA A 356 -16.40 4.34 -4.87
N SER A 357 -16.79 5.58 -4.53
CA SER A 357 -16.25 6.78 -5.16
C SER A 357 -15.61 7.75 -4.16
N LEU A 358 -14.46 8.36 -4.53
CA LEU A 358 -13.89 9.50 -3.79
C LEU A 358 -14.34 10.72 -4.58
N ASN A 359 -14.98 11.69 -3.91
CA ASN A 359 -15.32 13.01 -4.49
C ASN A 359 -16.49 13.05 -5.41
N THR A 360 -16.54 12.13 -6.40
CA THR A 360 -17.59 12.16 -7.42
C THR A 360 -18.91 11.58 -6.93
N PRO A 361 -19.96 12.40 -6.94
CA PRO A 361 -21.22 11.91 -6.46
C PRO A 361 -21.90 11.16 -7.58
N PHE A 362 -22.87 10.31 -7.26
CA PHE A 362 -23.73 9.80 -8.30
C PHE A 362 -24.84 10.83 -8.55
N ILE A 363 -24.92 11.32 -9.79
CA ILE A 363 -26.07 12.15 -10.18
C ILE A 363 -26.80 11.56 -11.40
N PRO A 364 -28.08 11.29 -11.23
CA PRO A 364 -28.86 10.75 -12.36
C PRO A 364 -28.92 11.75 -13.53
N ALA A 365 -29.05 11.27 -14.76
CA ALA A 365 -29.26 12.18 -15.87
C ALA A 365 -30.55 12.94 -15.60
N ASN A 366 -30.60 14.21 -15.98
CA ASN A 366 -31.89 14.90 -15.95
C ASN A 366 -32.55 14.77 -17.31
N PRO A 367 -33.63 13.96 -17.44
CA PRO A 367 -34.10 13.74 -18.81
C PRO A 367 -34.78 15.01 -19.41
N ASN A 368 -35.04 16.02 -18.58
CA ASN A 368 -35.69 17.26 -19.04
C ASN A 368 -34.74 18.39 -19.34
N MET A 369 -33.45 18.12 -19.44
CA MET A 369 -32.49 19.19 -19.61
C MET A 369 -31.26 18.63 -20.28
N SER A 370 -30.83 19.29 -21.34
CA SER A 370 -29.62 18.90 -22.00
C SER A 370 -28.46 19.04 -21.02
N PRO A 371 -27.55 18.07 -21.05
CA PRO A 371 -26.40 18.08 -20.12
C PRO A 371 -25.52 19.37 -20.22
N LEU A 372 -25.34 19.90 -21.44
CA LEU A 372 -24.63 21.17 -21.67
C LEU A 372 -25.21 22.31 -20.85
N GLU A 373 -26.53 22.39 -20.83
CA GLU A 373 -27.21 23.39 -20.04
C GLU A 373 -26.95 23.12 -18.56
N SER A 374 -27.14 21.85 -18.14
CA SER A 374 -26.98 21.49 -16.73
C SER A 374 -25.57 21.94 -16.32
N ILE A 375 -24.59 21.71 -17.19
CA ILE A 375 -23.18 22.12 -16.90
C ILE A 375 -23.03 23.65 -16.81
N LYS A 376 -23.64 24.37 -17.75
CA LYS A 376 -23.65 25.85 -17.76
C LYS A 376 -24.30 26.46 -16.49
N ALA A 377 -25.17 25.71 -15.82
CA ALA A 377 -25.83 26.18 -14.58
C ALA A 377 -24.92 26.26 -13.33
N ASN A 378 -23.70 25.72 -13.38
CA ASN A 378 -22.85 25.77 -12.18
C ASN A 378 -21.48 26.34 -12.50
N PRO A 379 -21.21 27.59 -12.06
CA PRO A 379 -20.02 28.33 -12.54
C PRO A 379 -18.70 27.55 -12.35
N VAL A 380 -18.70 26.64 -11.37
CA VAL A 380 -17.52 25.86 -11.04
C VAL A 380 -17.20 24.75 -12.08
N PHE A 381 -18.18 24.37 -12.89
CA PHE A 381 -17.91 23.50 -14.02
C PHE A 381 -17.49 24.22 -15.30
N ASP A 382 -17.22 25.52 -15.25
CA ASP A 382 -16.93 26.25 -16.52
C ASP A 382 -15.66 25.64 -17.18
N TYR A 383 -14.72 25.13 -16.36
CA TYR A 383 -13.55 24.49 -16.96
C TYR A 383 -13.92 23.29 -17.94
N GLN A 384 -15.07 22.66 -17.68
CA GLN A 384 -15.55 21.62 -18.62
C GLN A 384 -15.97 22.14 -19.97
N LEU A 385 -16.52 23.36 -20.04
CA LEU A 385 -16.81 23.98 -21.35
C LEU A 385 -15.52 24.35 -22.06
N TYR A 386 -14.56 24.86 -21.31
CA TYR A 386 -13.25 25.14 -21.88
C TYR A 386 -12.69 23.85 -22.55
N PHE A 387 -12.92 22.67 -21.94
CA PHE A 387 -12.41 21.41 -22.45
C PHE A 387 -13.08 20.94 -23.72
N GLN A 388 -14.19 21.57 -24.12
CA GLN A 388 -15.03 20.98 -25.23
C GLN A 388 -14.40 20.97 -26.62
N GLU A 389 -13.85 22.12 -27.01
CA GLU A 389 -13.34 22.35 -28.39
C GLU A 389 -12.08 21.57 -28.67
N PRO A 390 -12.14 20.63 -29.61
CA PRO A 390 -10.89 19.86 -29.66
C PRO A 390 -9.64 20.72 -29.99
N GLY A 391 -8.53 20.53 -29.27
CA GLY A 391 -7.27 21.23 -29.56
C GLY A 391 -6.99 22.33 -28.58
N VAL A 392 -8.01 23.03 -28.19
CA VAL A 392 -7.75 24.16 -27.35
C VAL A 392 -7.10 23.76 -26.03
N ALA A 393 -7.76 22.90 -25.24
CA ALA A 393 -7.16 22.54 -23.93
C ALA A 393 -5.90 21.73 -24.18
N GLU A 394 -5.83 20.97 -25.28
CA GLU A 394 -4.64 20.12 -25.48
C GLU A 394 -3.36 20.99 -25.56
N ALA A 395 -3.47 22.10 -26.29
CA ALA A 395 -2.32 22.98 -26.54
C ALA A 395 -1.88 23.58 -25.24
N GLU A 396 -2.83 24.05 -24.42
CA GLU A 396 -2.43 24.66 -23.16
C GLU A 396 -1.79 23.62 -22.22
N LEU A 397 -2.40 22.44 -22.12
CA LEU A 397 -1.94 21.45 -21.14
C LEU A 397 -0.65 20.78 -21.51
N GLU A 398 -0.48 20.52 -22.79
CA GLU A 398 0.79 19.93 -23.36
C GLU A 398 1.92 20.93 -23.51
N GLN A 399 1.65 22.21 -23.35
CA GLN A 399 2.69 23.14 -23.72
C GLN A 399 3.88 23.00 -22.79
N ASN A 400 3.64 22.76 -21.53
CA ASN A 400 4.72 22.66 -20.55
C ASN A 400 4.21 21.73 -19.42
N LEU A 401 4.56 20.45 -19.52
CA LEU A 401 3.98 19.40 -18.67
C LEU A 401 4.28 19.58 -17.20
N SER A 402 5.53 19.91 -16.88
CA SER A 402 5.89 20.18 -15.51
C SER A 402 4.95 21.26 -14.88
N ARG A 403 4.77 22.33 -15.61
CA ARG A 403 4.05 23.46 -15.08
C ARG A 403 2.58 22.99 -14.95
N THR A 404 2.11 22.27 -15.97
CA THR A 404 0.75 21.66 -15.88
C THR A 404 0.50 20.87 -14.58
N PHE A 405 1.35 19.89 -14.26
CA PHE A 405 1.10 19.04 -13.11
C PHE A 405 1.38 19.74 -11.83
N LYS A 406 2.48 20.50 -11.82
CA LYS A 406 2.73 21.35 -10.66
C LYS A 406 1.63 22.41 -10.33
N SER A 407 0.96 23.01 -11.35
CA SER A 407 -0.21 23.89 -11.14
C SER A 407 -1.45 23.17 -10.65
N LEU A 408 -1.70 21.96 -11.19
CA LEU A 408 -2.92 21.16 -10.87
C LEU A 408 -2.84 20.49 -9.52
N PHE A 409 -1.77 19.74 -9.29
CA PHE A 409 -1.66 18.96 -8.07
C PHE A 409 -1.23 19.84 -6.88
N ARG A 410 -2.21 20.46 -6.22
CA ARG A 410 -1.94 21.37 -5.08
C ARG A 410 -2.93 21.09 -3.96
N ALA A 411 -2.50 21.17 -2.69
CA ALA A 411 -3.43 21.05 -1.54
C ALA A 411 -4.30 22.30 -1.47
N SER A 412 -5.32 22.25 -0.63
CA SER A 412 -6.35 23.31 -0.63
C SER A 412 -5.81 24.66 -0.12
N ASP A 413 -4.87 24.61 0.82
CA ASP A 413 -4.16 25.80 1.25
C ASP A 413 -3.04 26.34 0.31
N GLU A 414 -2.98 25.89 -0.97
CA GLU A 414 -1.87 26.27 -1.87
C GLU A 414 -2.32 26.72 -3.25
N SER A 415 -3.64 26.73 -3.49
CA SER A 415 -4.09 26.65 -4.90
C SER A 415 -3.73 27.86 -5.71
N VAL A 416 -3.45 27.66 -7.00
CA VAL A 416 -3.07 28.74 -7.94
C VAL A 416 -4.14 28.99 -9.05
N LEU A 417 -5.08 28.05 -9.22
CA LEU A 417 -6.10 28.12 -10.29
C LEU A 417 -7.49 28.12 -9.74
N SER A 418 -8.22 29.19 -10.03
CA SER A 418 -9.66 29.20 -9.82
C SER A 418 -10.23 28.40 -10.95
N MET A 419 -11.36 27.75 -10.71
CA MET A 419 -12.03 26.98 -11.75
C MET A 419 -13.07 27.89 -12.41
N HIS A 420 -12.77 29.18 -12.27
CA HIS A 420 -13.75 30.24 -12.37
C HIS A 420 -13.56 31.06 -13.66
N LYS A 421 -14.58 31.05 -14.48
CA LYS A 421 -14.57 31.84 -15.70
C LYS A 421 -13.27 31.61 -16.47
N VAL A 422 -12.94 30.32 -16.62
CA VAL A 422 -11.81 29.80 -17.41
C VAL A 422 -11.91 30.09 -18.92
N CYS A 423 -13.09 29.86 -19.51
CA CYS A 423 -13.33 30.24 -20.94
C CYS A 423 -13.00 31.74 -21.19
N GLU A 424 -13.63 32.58 -20.37
CA GLU A 424 -13.55 34.04 -20.45
C GLU A 424 -12.08 34.50 -20.34
N ALA A 425 -11.39 34.02 -19.31
CA ALA A 425 -9.95 34.28 -19.11
C ALA A 425 -9.08 33.73 -20.25
N GLY A 426 -9.56 32.75 -21.01
CA GLY A 426 -8.80 32.21 -22.14
C GLY A 426 -7.87 31.01 -21.83
N GLY A 427 -7.97 30.47 -20.63
CA GLY A 427 -7.16 29.30 -20.27
C GLY A 427 -7.13 28.95 -18.81
N LEU A 428 -6.70 27.73 -18.51
CA LEU A 428 -6.65 27.27 -17.10
C LEU A 428 -5.52 27.89 -16.35
N PHE A 429 -4.45 28.24 -17.06
CA PHE A 429 -3.20 28.73 -16.44
C PHE A 429 -2.93 30.23 -16.67
N VAL A 430 -3.89 30.94 -17.23
CA VAL A 430 -3.61 32.32 -17.68
C VAL A 430 -3.12 33.18 -16.54
N ASN A 431 -3.39 32.75 -15.31
CA ASN A 431 -3.00 33.53 -14.15
C ASN A 431 -2.24 32.75 -13.13
N SER A 432 -1.45 31.77 -13.57
CA SER A 432 -0.52 31.02 -12.72
C SER A 432 0.94 31.10 -13.21
N PRO A 433 1.91 30.82 -12.33
CA PRO A 433 3.31 31.11 -12.69
C PRO A 433 3.84 30.17 -13.76
N GLU A 434 4.94 30.58 -14.38
CA GLU A 434 5.67 29.78 -15.34
C GLU A 434 6.28 28.61 -14.68
N GLU A 435 6.91 28.85 -13.54
CA GLU A 435 7.46 27.79 -12.73
C GLU A 435 6.75 27.78 -11.36
N PRO A 436 5.63 27.03 -11.20
CA PRO A 436 4.97 26.98 -9.90
C PRO A 436 5.88 26.36 -8.86
N SER A 437 5.66 26.70 -7.59
CA SER A 437 6.36 26.03 -6.53
C SER A 437 5.76 24.62 -6.40
N LEU A 438 6.52 23.74 -5.73
CA LEU A 438 6.19 22.36 -5.62
C LEU A 438 5.20 22.18 -4.46
N SER A 439 4.06 21.56 -4.72
CA SER A 439 3.15 21.29 -3.60
C SER A 439 3.77 20.43 -2.50
N ARG A 440 3.30 20.56 -1.26
CA ARG A 440 3.76 19.68 -0.17
C ARG A 440 3.32 18.27 -0.47
N MET A 441 2.29 18.12 -1.30
CA MET A 441 1.76 16.77 -1.54
C MET A 441 2.67 15.92 -2.39
N VAL A 442 3.61 16.50 -3.16
CA VAL A 442 4.38 15.72 -4.16
C VAL A 442 5.90 16.02 -4.17
N THR A 443 6.73 15.11 -4.64
CA THR A 443 8.13 15.43 -4.79
C THR A 443 8.37 15.84 -6.24
N GLU A 444 9.52 16.41 -6.51
CA GLU A 444 9.91 16.72 -7.87
C GLU A 444 9.93 15.47 -8.72
N GLU A 445 10.31 14.35 -8.11
CA GLU A 445 10.42 13.07 -8.80
C GLU A 445 9.07 12.57 -9.23
N GLU A 446 8.11 12.64 -8.31
CA GLU A 446 6.74 12.27 -8.61
C GLU A 446 6.08 13.09 -9.73
N ILE A 447 6.25 14.43 -9.72
CA ILE A 447 5.84 15.25 -10.84
C ILE A 447 6.47 14.73 -12.15
N GLN A 448 7.78 14.42 -12.15
CA GLN A 448 8.43 13.97 -13.40
C GLN A 448 7.89 12.58 -13.91
N PHE A 449 7.49 11.70 -12.99
CA PHE A 449 6.74 10.51 -13.41
C PHE A 449 5.49 10.87 -14.21
N TYR A 450 4.67 11.80 -13.70
CA TYR A 450 3.51 12.20 -14.52
C TYR A 450 3.93 12.80 -15.86
N VAL A 451 4.91 13.71 -15.85
CA VAL A 451 5.35 14.37 -17.09
C VAL A 451 5.72 13.23 -18.07
N GLN A 452 6.51 12.25 -17.62
CA GLN A 452 6.98 11.22 -18.57
C GLN A 452 5.79 10.38 -19.08
N GLN A 453 4.84 10.08 -18.20
CA GLN A 453 3.62 9.36 -18.64
C GLN A 453 2.93 10.15 -19.75
N PHE A 454 2.75 11.44 -19.52
CA PHE A 454 2.01 12.23 -20.49
C PHE A 454 2.69 12.60 -21.83
N LYS A 455 3.99 12.36 -21.90
CA LYS A 455 4.72 12.48 -23.14
C LYS A 455 4.34 11.40 -24.12
N LYS A 456 3.86 10.24 -23.63
CA LYS A 456 3.45 9.16 -24.57
C LYS A 456 2.20 9.62 -25.37
N SER A 457 1.12 10.05 -24.75
CA SER A 457 -0.04 10.37 -25.62
C SER A 457 -0.62 11.75 -25.44
N GLY A 458 -0.08 12.59 -24.54
CA GLY A 458 -0.70 13.88 -24.29
C GLY A 458 -2.18 13.82 -23.85
N PHE A 459 -2.91 14.92 -24.14
CA PHE A 459 -4.13 15.19 -23.40
C PHE A 459 -5.37 14.97 -24.20
N ARG A 460 -5.21 14.47 -25.44
CA ARG A 460 -6.37 14.27 -26.31
C ARG A 460 -7.39 13.22 -25.79
N GLY A 461 -6.87 12.01 -25.56
CA GLY A 461 -7.65 10.95 -24.99
C GLY A 461 -8.24 11.30 -23.60
N PRO A 462 -7.39 11.79 -22.70
CA PRO A 462 -7.89 12.32 -21.42
C PRO A 462 -9.03 13.33 -21.55
N LEU A 463 -8.87 14.33 -22.43
CA LEU A 463 -9.86 15.40 -22.58
C LEU A 463 -11.11 14.87 -23.20
N ASN A 464 -10.94 13.91 -24.12
CA ASN A 464 -12.11 13.28 -24.70
C ASN A 464 -13.12 12.70 -23.68
N TRP A 465 -12.70 12.36 -22.45
CA TRP A 465 -13.69 11.86 -21.45
C TRP A 465 -14.81 12.91 -21.16
N TYR A 466 -14.49 14.20 -21.42
CA TYR A 466 -15.41 15.32 -21.18
C TYR A 466 -16.20 15.67 -22.37
N ARG A 467 -15.92 15.01 -23.49
CA ARG A 467 -16.49 15.45 -24.76
C ARG A 467 -17.62 14.51 -25.19
N ASN A 468 -18.17 13.76 -24.26
CA ASN A 468 -19.29 12.86 -24.65
C ASN A 468 -20.54 13.16 -23.84
N MET A 469 -20.78 14.44 -23.50
CA MET A 469 -21.87 14.78 -22.53
C MET A 469 -23.23 14.28 -23.03
N GLU A 470 -23.52 14.53 -24.30
CA GLU A 470 -24.81 14.15 -24.91
C GLU A 470 -25.01 12.62 -25.03
N ARG A 471 -23.96 11.95 -25.45
CA ARG A 471 -23.95 10.56 -25.57
C ARG A 471 -24.09 9.85 -24.18
N ASN A 472 -23.30 10.27 -23.19
CA ASN A 472 -23.44 9.78 -21.84
C ASN A 472 -24.83 10.00 -21.27
N TRP A 473 -25.40 11.20 -21.48
CA TRP A 473 -26.77 11.58 -21.05
C TRP A 473 -27.84 10.60 -21.62
N LYS A 474 -27.87 10.42 -22.94
CA LYS A 474 -28.76 9.43 -23.48
C LYS A 474 -28.57 8.01 -22.88
N TRP A 475 -27.34 7.54 -22.69
CA TRP A 475 -27.11 6.20 -22.11
C TRP A 475 -27.62 6.21 -20.68
N ALA A 476 -27.30 7.25 -19.93
CA ALA A 476 -27.70 7.32 -18.51
C ALA A 476 -29.24 7.30 -18.35
N CYS A 477 -29.96 7.96 -19.28
CA CYS A 477 -31.44 8.01 -19.22
C CYS A 477 -32.09 6.61 -19.18
N LYS A 478 -31.41 5.62 -19.79
CA LYS A 478 -31.87 4.22 -19.72
C LYS A 478 -31.89 3.67 -18.32
N SER A 479 -31.16 4.28 -17.38
CA SER A 479 -30.98 3.67 -16.10
C SER A 479 -31.82 4.40 -15.08
N LEU A 480 -32.74 5.27 -15.53
CA LEU A 480 -33.49 6.16 -14.62
C LEU A 480 -34.51 5.44 -13.73
N GLY A 481 -34.99 4.26 -14.15
CA GLY A 481 -35.81 3.45 -13.23
C GLY A 481 -35.04 2.60 -12.23
N ARG A 482 -33.72 2.57 -12.31
CA ARG A 482 -33.01 1.59 -11.48
C ARG A 482 -32.63 2.18 -10.14
N LYS A 483 -32.19 1.35 -9.20
CA LYS A 483 -31.51 1.84 -8.01
C LYS A 483 -30.21 1.06 -7.91
N ILE A 484 -29.25 1.60 -7.16
CA ILE A 484 -28.02 0.89 -6.83
C ILE A 484 -28.18 0.27 -5.47
N LEU A 485 -28.17 -1.06 -5.47
CA LEU A 485 -28.56 -1.86 -4.35
C LEU A 485 -27.44 -2.81 -3.95
N ILE A 486 -26.30 -2.72 -4.63
CA ILE A 486 -25.08 -3.45 -4.16
C ILE A 486 -24.35 -2.58 -3.13
N PRO A 487 -23.37 -3.16 -2.41
CA PRO A 487 -22.66 -2.38 -1.40
C PRO A 487 -21.97 -1.17 -2.06
N ALA A 488 -22.09 0.00 -1.45
CA ALA A 488 -21.70 1.30 -2.03
C ALA A 488 -21.22 2.25 -0.95
N LEU A 489 -20.13 2.95 -1.25
CA LEU A 489 -19.49 3.91 -0.35
C LEU A 489 -19.23 5.20 -1.10
N MET A 490 -19.62 6.33 -0.51
CA MET A 490 -19.36 7.62 -1.07
C MET A 490 -18.46 8.40 -0.14
N VAL A 491 -17.33 8.92 -0.63
CA VAL A 491 -16.38 9.61 0.25
C VAL A 491 -16.28 11.04 -0.24
N THR A 492 -16.68 11.99 0.63
CA THR A 492 -16.68 13.39 0.23
C THR A 492 -15.45 14.03 0.80
N ALA A 493 -14.96 15.07 0.11
CA ALA A 493 -13.74 15.78 0.55
C ALA A 493 -14.14 17.23 0.84
N GLU A 494 -13.97 17.70 2.08
CA GLU A 494 -14.47 19.02 2.51
C GLU A 494 -14.09 20.18 1.56
N LYS A 495 -12.88 20.18 1.03
CA LYS A 495 -12.39 21.34 0.31
C LYS A 495 -12.16 21.10 -1.14
N ASP A 496 -12.88 20.12 -1.70
CA ASP A 496 -12.84 19.98 -3.14
C ASP A 496 -13.88 21.01 -3.60
N PHE A 497 -13.44 22.09 -4.23
CA PHE A 497 -14.38 23.18 -4.50
C PHE A 497 -15.12 23.01 -5.80
N VAL A 498 -14.80 21.94 -6.52
CA VAL A 498 -15.51 21.58 -7.73
C VAL A 498 -16.54 20.44 -7.42
N LEU A 499 -16.03 19.33 -6.90
CA LEU A 499 -16.88 18.22 -6.57
C LEU A 499 -17.22 18.38 -5.09
N VAL A 500 -18.14 19.30 -4.78
CA VAL A 500 -18.35 19.68 -3.37
C VAL A 500 -19.17 18.61 -2.63
N PRO A 501 -18.92 18.42 -1.31
CA PRO A 501 -19.65 17.38 -0.58
C PRO A 501 -21.16 17.51 -0.66
N GLN A 502 -21.70 18.74 -0.65
CA GLN A 502 -23.18 18.96 -0.84
C GLN A 502 -23.76 18.40 -2.11
N MET A 503 -22.97 18.37 -3.17
CA MET A 503 -23.43 17.81 -4.44
C MET A 503 -23.82 16.33 -4.28
N SER A 504 -23.33 15.62 -3.25
CA SER A 504 -23.71 14.20 -3.02
C SER A 504 -25.00 14.00 -2.17
N GLN A 505 -25.58 15.12 -1.73
CA GLN A 505 -26.60 15.09 -0.67
C GLN A 505 -27.88 14.30 -0.96
N HIS A 506 -28.18 13.99 -2.22
CA HIS A 506 -29.40 13.23 -2.50
C HIS A 506 -29.13 11.79 -2.93
N MET A 507 -27.88 11.36 -2.79
CA MET A 507 -27.53 10.05 -3.30
C MET A 507 -28.38 8.94 -2.66
N GLU A 508 -28.76 9.08 -1.37
CA GLU A 508 -29.63 8.06 -0.70
C GLU A 508 -30.94 7.80 -1.43
N ASP A 509 -31.46 8.75 -2.21
CA ASP A 509 -32.66 8.46 -3.06
C ASP A 509 -32.44 7.35 -4.09
N TRP A 510 -31.22 7.25 -4.63
CA TRP A 510 -30.86 6.23 -5.66
C TRP A 510 -30.12 5.04 -5.06
N ILE A 511 -29.51 5.27 -3.91
CA ILE A 511 -28.60 4.25 -3.32
C ILE A 511 -29.00 4.17 -1.87
N PRO A 512 -30.15 3.51 -1.54
CA PRO A 512 -30.71 3.65 -0.14
C PRO A 512 -29.82 3.12 0.98
N HIS A 513 -28.96 2.14 0.68
CA HIS A 513 -28.05 1.63 1.75
C HIS A 513 -26.63 2.17 1.64
N LEU A 514 -26.45 3.23 0.84
CA LEU A 514 -25.16 3.93 0.74
C LEU A 514 -24.45 4.12 2.09
N LYS A 515 -23.15 3.80 2.16
CA LYS A 515 -22.31 4.23 3.26
C LYS A 515 -21.45 5.43 2.87
N ARG A 516 -20.97 6.17 3.88
CA ARG A 516 -20.27 7.41 3.70
C ARG A 516 -18.97 7.47 4.48
N GLY A 517 -18.00 8.21 4.00
CA GLY A 517 -16.89 8.69 4.84
C GLY A 517 -16.72 10.12 4.40
N HIS A 518 -15.97 10.87 5.16
CA HIS A 518 -15.83 12.31 4.89
C HIS A 518 -14.44 12.67 5.31
N ILE A 519 -13.73 13.45 4.50
CA ILE A 519 -12.40 13.81 4.88
C ILE A 519 -12.26 15.32 4.93
N GLU A 520 -11.83 15.77 6.10
CA GLU A 520 -11.79 17.18 6.35
C GLU A 520 -10.46 17.67 5.88
N ASP A 521 -10.43 18.93 5.48
CA ASP A 521 -9.22 19.63 5.08
C ASP A 521 -8.56 18.91 3.90
N CYS A 522 -9.38 18.41 2.98
CA CYS A 522 -8.91 17.62 1.85
C CYS A 522 -9.34 18.26 0.57
N GLY A 523 -8.40 18.59 -0.30
CA GLY A 523 -8.80 19.15 -1.59
C GLY A 523 -9.28 18.08 -2.60
N HIS A 524 -9.19 18.44 -3.90
CA HIS A 524 -9.60 17.58 -4.98
C HIS A 524 -8.72 16.30 -5.12
N TRP A 525 -7.42 16.35 -4.80
CA TRP A 525 -6.51 15.21 -5.10
C TRP A 525 -6.45 14.32 -3.89
N THR A 526 -7.61 13.76 -3.55
CA THR A 526 -7.83 13.03 -2.29
C THR A 526 -6.76 12.00 -1.90
N GLN A 527 -6.28 11.19 -2.85
CA GLN A 527 -5.48 10.02 -2.50
C GLN A 527 -4.11 10.45 -2.00
N MET A 528 -3.61 11.54 -2.52
CA MET A 528 -2.30 12.05 -2.09
C MET A 528 -2.39 13.21 -1.09
N ASP A 529 -3.56 13.85 -1.00
CA ASP A 529 -3.79 14.91 -0.05
C ASP A 529 -3.85 14.28 1.32
N LYS A 530 -4.72 13.27 1.49
CA LYS A 530 -4.95 12.60 2.78
C LYS A 530 -4.85 11.08 2.69
N PRO A 531 -3.68 10.56 2.32
CA PRO A 531 -3.58 9.11 1.98
C PRO A 531 -3.89 8.22 3.16
N THR A 532 -3.38 8.58 4.34
CA THR A 532 -3.70 7.84 5.59
C THR A 532 -5.22 7.70 5.87
N GLU A 533 -5.93 8.80 5.71
CA GLU A 533 -7.38 8.78 6.02
C GLU A 533 -8.17 8.00 4.95
N VAL A 534 -7.82 8.21 3.69
CA VAL A 534 -8.38 7.41 2.57
C VAL A 534 -8.14 5.95 2.87
N ASN A 535 -6.88 5.58 3.17
CA ASN A 535 -6.59 4.13 3.44
C ASN A 535 -7.47 3.57 4.54
N GLN A 536 -7.62 4.30 5.65
CA GLN A 536 -8.40 3.77 6.75
C GLN A 536 -9.89 3.62 6.36
N ILE A 537 -10.47 4.61 5.70
CA ILE A 537 -11.88 4.56 5.30
C ILE A 537 -12.14 3.43 4.27
N LEU A 538 -11.22 3.24 3.31
CA LEU A 538 -11.39 2.13 2.30
C LEU A 538 -11.26 0.74 2.90
N ILE A 539 -10.25 0.57 3.75
CA ILE A 539 -10.01 -0.74 4.30
C ILE A 539 -11.16 -1.07 5.26
N LYS A 540 -11.52 -0.16 6.16
CA LYS A 540 -12.70 -0.45 7.02
C LYS A 540 -13.99 -0.83 6.19
N TRP A 541 -14.28 -0.06 5.17
CA TRP A 541 -15.48 -0.38 4.35
C TRP A 541 -15.26 -1.69 3.57
N LEU A 542 -14.10 -1.88 2.95
CA LEU A 542 -13.82 -3.21 2.31
C LEU A 542 -14.05 -4.41 3.26
N ASP A 543 -13.51 -4.33 4.47
CA ASP A 543 -13.60 -5.46 5.39
C ASP A 543 -15.05 -5.73 5.80
N SER A 544 -15.88 -4.71 5.89
CA SER A 544 -17.23 -4.93 6.34
C SER A 544 -18.19 -5.18 5.20
N ASP A 545 -17.94 -4.61 4.02
CA ASP A 545 -18.92 -4.71 2.93
C ASP A 545 -18.52 -5.53 1.71
N ALA A 546 -17.27 -5.90 1.61
CA ALA A 546 -16.85 -6.50 0.34
C ALA A 546 -16.16 -7.84 0.51
N ARG A 547 -16.31 -8.40 1.70
CA ARG A 547 -15.45 -9.44 2.18
C ARG A 547 -16.33 -10.48 2.87
MG MG B . 16.47 -12.16 19.17
P PO4 C . 16.57 -14.13 16.26
O1 PO4 C . 16.68 -13.60 17.69
O2 PO4 C . 17.93 -14.07 15.56
O3 PO4 C . 15.56 -13.33 15.46
O4 PO4 C . 16.06 -15.55 16.38
C3 S0J D . -21.60 15.78 -12.71
C15 S0J D . -23.66 16.97 -14.56
C4 S0J D . -21.48 15.81 -14.12
C14 S0J D . -22.54 16.28 -14.95
C2 S0J D . -20.48 15.14 -12.26
C5 S0J D . -20.32 15.20 -14.52
C17 S0J D . -23.52 16.34 -16.92
C11 S0J D . -15.11 14.41 -13.31
C10 S0J D . -16.16 13.92 -12.39
C12 S0J D . -15.94 14.87 -14.47
C9 S0J D . -17.31 14.82 -12.76
C1 S0J D . -20.14 14.87 -10.85
C6 S0J D . -19.75 14.96 -15.87
C8 S0J D . -18.44 14.06 -13.39
N19 S0J D . -22.46 15.92 -16.27
N7 S0J D . -19.70 14.82 -13.36
N18 S0J D . -23.72 16.14 -18.23
O13 S0J D . -16.93 15.65 -13.81
S16 S0J D . -24.63 17.20 -15.95
#